data_4JOA
#
_entry.id   4JOA
#
_cell.length_a   51.794
_cell.length_b   56.503
_cell.length_c   104.536
_cell.angle_alpha   90.00
_cell.angle_beta   90.00
_cell.angle_gamma   90.00
#
_symmetry.space_group_name_H-M   'P 21 21 21'
#
loop_
_entity.id
_entity.type
_entity.pdbx_description
1 polymer 'ALK tyrosine kinase receptor'
2 non-polymer 3-[1-(2,5-difluorobenzyl)-1H-pyrazol-4-yl]-5-(1-methyl-1H-pyrazol-4-yl)-1H-pyrrolo[2,3-b]pyridine
3 water water
#
_entity_poly.entity_id   1
_entity_poly.type   'polypeptide(L)'
_entity_poly.pdbx_seq_one_letter_code
;GAMGSELQSPEYKLSKLRTSTIMTDYNPNYCFAGKTSSISDLKEVPRKNITLIRGLGHGAFGEVYEGQVSGMPNDPSPLQ
VAVKTLPEVCSEQDELDFLMEALIISKFNHQNIVRCIGVSLQSLPRFILLELMAGGDLKSFLRETRPRPSQPSSLAMLDL
LHVARDIACGCQYLEENHFIHRDIAARNCLLTCPGPGRVAKIGDFGMARDIYRAGYYRKGGCAMLPVKWMPPEAFMEGIF
TSKTDTWSFGVLLWEIFSLGYMPYPSKSNQEVLEFVTSGGRMDPPKNCPGPVYRIMTQCWQHQPEDRPNFAIILERIEYC
TQDPDVINTALPIEYGPLVEEEEK
;
_entity_poly.pdbx_strand_id   A
#
# COMPACT_ATOMS: atom_id res chain seq x y z
N ASP A 41 5.70 11.23 24.59
CA ASP A 41 6.23 10.31 23.55
C ASP A 41 6.23 10.96 22.17
N LEU A 42 5.04 11.21 21.60
CA LEU A 42 4.91 11.86 20.31
C LEU A 42 5.09 13.37 20.45
N LYS A 43 5.66 13.99 19.41
CA LYS A 43 5.89 15.44 19.40
C LYS A 43 4.59 16.23 19.31
N GLU A 44 4.10 16.69 20.46
CA GLU A 44 2.90 17.53 20.52
C GLU A 44 3.23 18.91 19.94
N VAL A 45 2.60 19.23 18.82
CA VAL A 45 2.82 20.52 18.14
C VAL A 45 1.66 21.47 18.47
N PRO A 46 1.97 22.72 18.87
CA PRO A 46 0.91 23.66 19.27
C PRO A 46 -0.13 23.93 18.19
N ARG A 47 -1.41 23.94 18.58
CA ARG A 47 -2.50 24.24 17.67
C ARG A 47 -2.34 25.63 17.03
N LYS A 48 -1.75 26.57 17.77
CA LYS A 48 -1.44 27.91 17.27
C LYS A 48 -0.62 27.88 15.98
N ASN A 49 0.31 26.93 15.87
CA ASN A 49 1.16 26.81 14.68
C ASN A 49 0.46 26.10 13.52
N ILE A 50 -0.61 25.35 13.81
CA ILE A 50 -1.32 24.56 12.80
C ILE A 50 -2.47 25.34 12.16
N THR A 51 -2.52 25.31 10.82
CA THR A 51 -3.59 25.93 10.05
C THR A 51 -4.05 24.96 8.97
N LEU A 52 -5.37 24.88 8.74
CA LEU A 52 -5.94 23.99 7.73
C LEU A 52 -6.18 24.76 6.44
N ILE A 53 -5.55 24.31 5.36
CA ILE A 53 -5.57 25.02 4.08
C ILE A 53 -6.74 24.56 3.19
N ARG A 54 -6.85 23.26 2.99
CA ARG A 54 -7.75 22.69 1.99
C ARG A 54 -8.17 21.28 2.38
N GLY A 55 -9.42 20.93 2.06
CA GLY A 55 -9.90 19.56 2.23
C GLY A 55 -9.43 18.68 1.09
N LEU A 56 -8.66 17.65 1.42
CA LEU A 56 -8.09 16.74 0.43
C LEU A 56 -9.04 15.59 0.13
N GLY A 57 -9.39 14.81 1.15
CA GLY A 57 -10.25 13.64 1.03
C GLY A 57 -11.43 13.72 1.98
N VAL A 64 -8.71 14.73 7.04
CA VAL A 64 -8.38 14.57 5.63
C VAL A 64 -8.06 15.92 4.97
N TYR A 65 -7.15 16.67 5.59
CA TYR A 65 -6.89 18.07 5.17
C TYR A 65 -5.45 18.32 4.72
N GLU A 66 -5.31 19.30 3.81
CA GLU A 66 -4.03 19.87 3.44
C GLU A 66 -3.71 20.90 4.52
N GLY A 67 -2.48 20.89 5.04
CA GLY A 67 -2.14 21.73 6.19
C GLY A 67 -0.79 22.40 6.13
N GLN A 68 -0.58 23.36 7.04
CA GLN A 68 0.70 24.02 7.22
C GLN A 68 1.04 24.14 8.70
N VAL A 69 2.34 24.19 9.01
CA VAL A 69 2.82 24.41 10.37
C VAL A 69 3.92 25.49 10.33
N SER A 70 3.79 26.50 11.19
CA SER A 70 4.70 27.65 11.20
C SER A 70 6.06 27.30 11.79
N LEU A 79 5.98 24.67 6.41
CA LEU A 79 6.09 23.24 6.15
C LEU A 79 4.72 22.65 5.79
N GLN A 80 4.56 22.24 4.55
CA GLN A 80 3.30 21.70 4.05
C GLN A 80 3.10 20.28 4.58
N VAL A 81 2.03 20.06 5.34
CA VAL A 81 1.71 18.75 5.91
C VAL A 81 0.29 18.33 5.58
N ALA A 82 -0.03 17.07 5.89
CA ALA A 82 -1.39 16.55 5.76
C ALA A 82 -1.94 16.31 7.16
N VAL A 83 -3.17 16.77 7.39
CA VAL A 83 -3.81 16.65 8.71
C VAL A 83 -4.93 15.63 8.64
N LYS A 84 -4.91 14.71 9.62
CA LYS A 84 -5.97 13.74 9.80
C LYS A 84 -6.67 14.09 11.11
N THR A 85 -7.98 14.31 11.05
CA THR A 85 -8.77 14.76 12.21
C THR A 85 -9.60 13.63 12.83
N LEU A 86 -9.94 13.79 14.11
CA LEU A 86 -10.82 12.88 14.83
C LEU A 86 -12.10 13.62 15.23
N PRO A 87 -13.28 13.10 14.80
CA PRO A 87 -14.56 13.65 15.30
C PRO A 87 -14.73 13.48 16.81
N ASP A 97 -7.64 4.55 20.24
CA ASP A 97 -7.66 3.98 18.91
C ASP A 97 -6.78 4.81 18.03
N PHE A 98 -7.02 6.10 18.11
CA PHE A 98 -6.54 7.08 17.17
C PHE A 98 -5.36 7.69 17.73
N LEU A 99 -5.35 7.77 19.04
CA LEU A 99 -4.04 7.89 19.67
C LEU A 99 -3.12 6.81 19.10
N MET A 100 -3.72 5.41 18.69
CA MET A 100 -2.58 4.57 18.36
C MET A 100 -2.21 4.29 16.94
N GLU A 101 -2.86 4.87 15.96
CA GLU A 101 -2.31 4.65 14.65
C GLU A 101 -1.06 5.49 14.45
N ALA A 102 -1.12 6.68 14.99
CA ALA A 102 -0.01 7.64 14.93
C ALA A 102 1.20 7.13 15.68
N LEU A 103 0.97 6.50 16.83
CA LEU A 103 2.05 5.91 17.64
C LEU A 103 2.77 4.80 16.86
N ILE A 104 2.02 4.02 16.08
CA ILE A 104 2.58 2.97 15.22
C ILE A 104 3.38 3.54 14.05
N ILE A 105 2.79 4.50 13.35
CA ILE A 105 3.44 5.13 12.19
C ILE A 105 4.68 5.93 12.63
N SER A 106 4.55 6.58 13.78
CA SER A 106 5.65 7.34 14.41
C SER A 106 6.91 6.49 14.64
N LYS A 107 6.73 5.24 15.04
CA LYS A 107 7.87 4.36 15.34
C LYS A 107 8.60 3.81 14.10
N PHE A 108 8.06 4.05 12.90
CA PHE A 108 8.73 3.62 11.67
C PHE A 108 9.65 4.70 11.13
N ASN A 109 10.78 4.27 10.58
CA ASN A 109 11.81 5.16 10.01
C ASN A 109 12.26 4.59 8.66
N HIS A 110 11.47 4.87 7.63
CA HIS A 110 11.73 4.37 6.28
C HIS A 110 11.10 5.26 5.21
N GLN A 111 11.81 5.41 4.09
CA GLN A 111 11.41 6.35 3.03
C GLN A 111 10.13 5.97 2.29
N ASN A 112 9.72 4.70 2.37
CA ASN A 112 8.53 4.22 1.68
C ASN A 112 7.36 4.02 2.63
N ILE A 113 7.38 4.75 3.75
CA ILE A 113 6.29 4.78 4.71
C ILE A 113 6.10 6.25 5.09
N VAL A 114 4.86 6.74 4.99
CA VAL A 114 4.60 8.15 5.32
C VAL A 114 5.10 8.50 6.71
N ARG A 115 5.70 9.68 6.83
CA ARG A 115 6.24 10.15 8.11
C ARG A 115 5.13 10.75 8.95
N CYS A 116 5.23 10.56 10.26
CA CYS A 116 4.38 11.27 11.21
C CYS A 116 5.12 12.50 11.69
N ILE A 117 4.63 13.66 11.25
CA ILE A 117 5.27 14.95 11.57
C ILE A 117 5.09 15.27 13.05
N GLY A 118 3.86 15.10 13.52
CA GLY A 118 3.52 15.35 14.91
C GLY A 118 2.05 15.11 15.20
N VAL A 119 1.59 15.61 16.35
CA VAL A 119 0.19 15.46 16.77
C VAL A 119 -0.31 16.71 17.49
N SER A 120 -1.64 16.83 17.57
CA SER A 120 -2.28 17.93 18.30
C SER A 120 -3.41 17.40 19.16
N LEU A 121 -3.04 16.73 20.25
CA LEU A 121 -4.02 16.14 21.19
C LEU A 121 -4.41 17.10 22.32
N GLN A 122 -3.77 18.27 22.37
CA GLN A 122 -4.10 19.30 23.37
C GLN A 122 -5.52 19.84 23.15
N SER A 123 -5.75 20.42 21.98
CA SER A 123 -7.06 20.98 21.61
C SER A 123 -7.95 19.90 20.97
N LEU A 124 -9.20 20.26 20.69
CA LEU A 124 -10.15 19.43 19.94
C LEU A 124 -10.69 20.20 18.73
N PRO A 125 -10.83 19.54 17.56
CA PRO A 125 -10.63 18.10 17.33
C PRO A 125 -9.16 17.71 17.25
N ARG A 126 -8.84 16.50 17.71
CA ARG A 126 -7.46 16.02 17.77
C ARG A 126 -6.90 15.80 16.36
N PHE A 127 -5.68 16.30 16.13
CA PHE A 127 -5.00 16.11 14.83
C PHE A 127 -3.89 15.08 14.91
N ILE A 128 -3.53 14.54 13.74
CA ILE A 128 -2.25 13.88 13.54
C ILE A 128 -1.63 14.52 12.30
N LEU A 129 -0.41 15.04 12.45
CA LEU A 129 0.30 15.68 11.35
C LEU A 129 1.13 14.64 10.61
N LEU A 130 0.98 14.59 9.29
CA LEU A 130 1.56 13.54 8.46
C LEU A 130 2.24 14.13 7.22
N GLU A 131 3.14 13.34 6.64
CA GLU A 131 3.83 13.72 5.41
C GLU A 131 2.81 13.91 4.30
N LEU A 132 2.79 15.09 3.69
CA LEU A 132 1.87 15.39 2.60
C LEU A 132 2.19 14.57 1.35
N MET A 133 1.22 13.78 0.92
CA MET A 133 1.34 12.96 -0.29
C MET A 133 0.41 13.54 -1.35
N ALA A 134 0.92 14.48 -2.14
CA ALA A 134 0.10 15.25 -3.09
C ALA A 134 -0.58 14.39 -4.16
N GLY A 135 -0.04 13.20 -4.42
CA GLY A 135 -0.58 12.29 -5.42
C GLY A 135 -1.78 11.48 -4.98
N GLY A 136 -2.13 11.56 -3.70
CA GLY A 136 -3.27 10.83 -3.17
C GLY A 136 -3.03 9.33 -3.13
N ASP A 137 -4.10 8.55 -2.94
CA ASP A 137 -3.98 7.09 -2.90
C ASP A 137 -3.64 6.48 -4.25
N LEU A 138 -3.05 5.30 -4.23
CA LEU A 138 -2.57 4.62 -5.44
C LEU A 138 -3.70 4.05 -6.30
N LYS A 139 -4.76 3.57 -5.66
CA LYS A 139 -5.95 3.05 -6.36
C LYS A 139 -6.53 4.10 -7.30
N SER A 140 -6.78 5.30 -6.77
CA SER A 140 -7.37 6.39 -7.54
C SER A 140 -6.42 6.92 -8.61
N PHE A 141 -5.12 6.88 -8.34
CA PHE A 141 -4.11 7.36 -9.29
C PHE A 141 -4.12 6.51 -10.55
N LEU A 142 -3.99 5.19 -10.37
CA LEU A 142 -4.05 4.24 -11.47
C LEU A 142 -5.29 4.45 -12.34
N ARG A 143 -6.45 4.53 -11.68
CA ARG A 143 -7.72 4.78 -12.36
C ARG A 143 -7.68 6.07 -13.18
N GLU A 144 -7.38 7.18 -12.50
CA GLU A 144 -7.41 8.50 -13.13
C GLU A 144 -6.31 8.69 -14.19
N THR A 145 -5.19 8.00 -14.03
CA THR A 145 -4.05 8.14 -14.95
C THR A 145 -3.94 6.95 -15.91
N ARG A 146 -5.09 6.34 -16.24
CA ARG A 146 -5.14 5.21 -17.14
C ARG A 146 -5.00 5.70 -18.59
N PRO A 147 -4.03 5.15 -19.34
CA PRO A 147 -3.81 5.52 -20.75
C PRO A 147 -5.08 5.57 -21.58
N ARG A 148 -5.24 6.64 -22.36
CA ARG A 148 -6.43 6.87 -23.19
C ARG A 148 -6.08 7.72 -24.41
N LEU A 155 1.97 7.20 -19.01
CA LEU A 155 2.25 6.18 -18.01
C LEU A 155 2.81 4.91 -18.65
N ALA A 156 3.96 4.46 -18.16
CA ALA A 156 4.67 3.31 -18.74
C ALA A 156 4.77 2.15 -17.75
N MET A 157 5.26 1.02 -18.22
CA MET A 157 5.40 -0.19 -17.39
C MET A 157 6.42 0.02 -16.28
N LEU A 158 7.47 0.78 -16.54
CA LEU A 158 8.51 1.04 -15.53
C LEU A 158 7.98 1.89 -14.38
N ASP A 159 6.99 2.73 -14.66
CA ASP A 159 6.33 3.51 -13.60
C ASP A 159 5.61 2.59 -12.62
N LEU A 160 4.99 1.54 -13.15
CA LEU A 160 4.32 0.51 -12.35
C LEU A 160 5.34 -0.28 -11.53
N LEU A 161 6.47 -0.60 -12.15
CA LEU A 161 7.53 -1.35 -11.48
C LEU A 161 8.16 -0.56 -10.34
N HIS A 162 8.33 0.75 -10.52
CA HIS A 162 8.86 1.60 -9.44
C HIS A 162 7.89 1.66 -8.27
N VAL A 163 6.61 1.86 -8.58
CA VAL A 163 5.57 1.82 -7.57
C VAL A 163 5.63 0.49 -6.79
N ALA A 164 5.70 -0.62 -7.53
CA ALA A 164 5.81 -1.94 -6.92
C ALA A 164 7.06 -2.07 -6.04
N ARG A 165 8.20 -1.67 -6.58
CA ARG A 165 9.45 -1.66 -5.82
C ARG A 165 9.31 -0.82 -4.55
N ASP A 166 8.72 0.36 -4.69
CA ASP A 166 8.58 1.28 -3.56
C ASP A 166 7.84 0.64 -2.39
N ILE A 167 6.72 -0.02 -2.67
CA ILE A 167 5.92 -0.65 -1.61
C ILE A 167 6.62 -1.93 -1.10
N ALA A 168 7.33 -2.61 -1.98
CA ALA A 168 8.10 -3.80 -1.61
C ALA A 168 9.23 -3.45 -0.62
N CYS A 169 9.89 -2.31 -0.83
CA CYS A 169 10.90 -1.81 0.10
C CYS A 169 10.29 -1.56 1.49
N GLY A 170 9.18 -0.83 1.50
CA GLY A 170 8.44 -0.56 2.72
C GLY A 170 8.01 -1.84 3.42
N CYS A 171 7.52 -2.80 2.64
CA CYS A 171 7.13 -4.10 3.20
C CYS A 171 8.34 -4.86 3.74
N GLN A 172 9.46 -4.78 3.04
CA GLN A 172 10.69 -5.40 3.53
C GLN A 172 11.07 -4.79 4.87
N TYR A 173 10.94 -3.46 4.98
CA TYR A 173 11.25 -2.75 6.21
C TYR A 173 10.36 -3.24 7.36
N LEU A 174 9.07 -3.39 7.08
CA LEU A 174 8.15 -3.96 8.06
C LEU A 174 8.55 -5.39 8.43
N GLU A 175 8.88 -6.19 7.41
CA GLU A 175 9.26 -7.59 7.61
C GLU A 175 10.51 -7.72 8.47
N GLU A 176 11.53 -6.92 8.16
CA GLU A 176 12.76 -6.86 8.96
C GLU A 176 12.46 -6.50 10.42
N ASN A 177 11.47 -5.64 10.63
CA ASN A 177 11.11 -5.16 11.96
C ASN A 177 9.95 -5.95 12.59
N HIS A 178 9.62 -7.08 11.99
CA HIS A 178 8.63 -8.02 12.53
C HIS A 178 7.29 -7.36 12.80
N PHE A 179 6.90 -6.47 11.89
CA PHE A 179 5.60 -5.83 11.92
C PHE A 179 4.79 -6.40 10.75
N ILE A 180 3.53 -6.73 11.02
CA ILE A 180 2.64 -7.26 10.01
C ILE A 180 1.61 -6.20 9.71
N HIS A 181 1.46 -5.86 8.43
CA HIS A 181 0.53 -4.83 7.99
C HIS A 181 -0.91 -5.34 7.94
N ARG A 182 -1.09 -6.53 7.38
CA ARG A 182 -2.40 -7.22 7.33
C ARG A 182 -3.46 -6.56 6.44
N ASP A 183 -3.10 -5.56 5.65
CA ASP A 183 -4.04 -4.90 4.73
C ASP A 183 -3.45 -4.27 3.46
N ILE A 184 -2.31 -4.80 3.03
CA ILE A 184 -1.53 -4.20 1.94
C ILE A 184 -2.39 -4.18 0.67
N ALA A 185 -2.87 -2.99 0.34
CA ALA A 185 -3.68 -2.79 -0.85
C ALA A 185 -3.35 -1.44 -1.47
N ALA A 186 -3.73 -1.26 -2.73
CA ALA A 186 -3.53 -0.01 -3.45
C ALA A 186 -4.22 1.17 -2.76
N ARG A 187 -5.36 0.93 -2.13
CA ARG A 187 -6.10 1.99 -1.44
C ARG A 187 -5.40 2.48 -0.16
N ASN A 188 -4.45 1.70 0.36
CA ASN A 188 -3.67 2.08 1.55
C ASN A 188 -2.27 2.60 1.23
N CYS A 189 -1.99 2.82 -0.05
CA CYS A 189 -0.72 3.40 -0.50
C CYS A 189 -0.94 4.82 -1.03
N LEU A 190 -0.03 5.73 -0.71
CA LEU A 190 -0.10 7.12 -1.16
C LEU A 190 1.09 7.48 -2.06
N LEU A 191 0.94 8.53 -2.85
CA LEU A 191 1.99 9.00 -3.77
C LEU A 191 2.42 10.44 -3.42
N THR A 192 3.73 10.68 -3.39
CA THR A 192 4.27 12.00 -3.03
C THR A 192 3.76 13.09 -3.99
N CYS A 193 4.15 12.96 -5.26
CA CYS A 193 3.64 13.82 -6.31
C CYS A 193 3.03 12.93 -7.40
N PRO A 194 2.09 13.45 -8.19
CA PRO A 194 1.46 12.64 -9.23
C PRO A 194 2.34 12.39 -10.46
N GLY A 195 3.10 13.41 -10.85
CA GLY A 195 3.98 13.31 -12.03
C GLY A 195 5.24 12.49 -11.76
N PRO A 196 6.07 12.28 -12.80
CA PRO A 196 7.29 11.49 -12.67
C PRO A 196 8.15 11.92 -11.47
N GLY A 197 8.85 10.96 -10.87
CA GLY A 197 9.52 11.18 -9.59
C GLY A 197 8.61 10.85 -8.44
N ARG A 198 7.47 10.19 -8.74
CA ARG A 198 6.56 9.69 -7.72
C ARG A 198 7.33 8.83 -6.73
N VAL A 199 6.85 8.80 -5.50
CA VAL A 199 7.31 7.81 -4.53
C VAL A 199 6.09 7.27 -3.80
N ALA A 200 5.83 5.97 -3.95
CA ALA A 200 4.73 5.31 -3.27
C ALA A 200 5.15 4.93 -1.85
N LYS A 201 4.26 5.17 -0.90
CA LYS A 201 4.53 4.86 0.50
C LYS A 201 3.28 4.30 1.17
N ILE A 202 3.47 3.42 2.13
CA ILE A 202 2.36 2.81 2.87
C ILE A 202 1.77 3.86 3.81
N GLY A 203 0.53 4.26 3.53
CA GLY A 203 -0.11 5.39 4.21
C GLY A 203 -1.06 5.03 5.34
N ASP A 204 -1.65 3.83 5.29
CA ASP A 204 -2.63 3.42 6.29
C ASP A 204 -2.14 2.21 7.09
N PHE A 205 -2.35 2.27 8.41
CA PHE A 205 -2.01 1.19 9.34
C PHE A 205 -3.18 0.89 10.30
N GLY A 206 -4.41 1.14 9.85
CA GLY A 206 -5.59 0.97 10.68
C GLY A 206 -5.85 -0.48 11.06
N MET A 207 -5.65 -1.37 10.11
CA MET A 207 -5.89 -2.80 10.30
C MET A 207 -4.95 -3.39 11.37
N ALA A 208 -3.66 -3.09 11.24
CA ALA A 208 -2.66 -3.58 12.20
C ALA A 208 -2.87 -2.97 13.59
N ARG A 209 -3.48 -1.80 13.65
CA ARG A 209 -3.86 -1.17 14.92
C ARG A 209 -5.07 -1.87 15.54
N ASP A 210 -6.15 -2.01 14.76
CA ASP A 210 -7.39 -2.63 15.23
C ASP A 210 -7.13 -3.89 16.07
N ILE A 211 -6.22 -4.73 15.58
CA ILE A 211 -5.82 -5.92 16.30
C ILE A 211 -4.95 -5.53 17.51
N TYR A 212 -3.85 -4.82 17.25
CA TYR A 212 -2.95 -4.36 18.31
C TYR A 212 -3.61 -3.25 19.14
N CYS A 222 -16.85 -8.50 9.58
C CYS A 222 -17.02 -9.07 6.37
N ALA A 223 -18.00 -8.21 6.16
CA ALA A 223 -18.09 -7.42 4.93
C ALA A 223 -16.93 -6.44 4.79
N MET A 224 -16.57 -5.78 5.89
CA MET A 224 -15.49 -4.80 5.89
C MET A 224 -14.09 -5.43 5.85
N LEU A 225 -14.00 -6.74 6.06
CA LEU A 225 -12.69 -7.42 6.08
C LEU A 225 -12.16 -7.57 4.64
N PRO A 226 -10.85 -7.29 4.43
CA PRO A 226 -10.27 -7.33 3.09
C PRO A 226 -9.95 -8.76 2.61
N VAL A 227 -10.98 -9.49 2.23
CA VAL A 227 -10.87 -10.92 1.94
C VAL A 227 -10.07 -11.18 0.66
N LYS A 228 -10.18 -10.28 -0.31
CA LYS A 228 -9.51 -10.45 -1.60
C LYS A 228 -8.00 -10.28 -1.50
N TRP A 229 -7.54 -9.64 -0.44
CA TRP A 229 -6.09 -9.48 -0.19
C TRP A 229 -5.55 -10.50 0.83
N MET A 230 -6.41 -11.36 1.36
CA MET A 230 -6.02 -12.27 2.44
C MET A 230 -5.76 -13.70 1.95
N PRO A 231 -4.70 -14.34 2.48
CA PRO A 231 -4.45 -15.75 2.20
C PRO A 231 -5.37 -16.67 2.99
N PRO A 232 -5.52 -17.95 2.56
CA PRO A 232 -6.47 -18.88 3.18
C PRO A 232 -6.38 -18.93 4.70
N GLU A 233 -5.18 -19.17 5.22
CA GLU A 233 -4.99 -19.29 6.67
C GLU A 233 -5.27 -18.01 7.48
N ALA A 234 -5.59 -16.91 6.79
CA ALA A 234 -6.05 -15.69 7.45
C ALA A 234 -7.58 -15.70 7.55
N GLY A 238 -7.29 -18.43 11.23
CA GLY A 238 -7.19 -16.97 11.16
C GLY A 238 -5.80 -16.47 11.49
N ILE A 239 -4.79 -17.17 10.97
CA ILE A 239 -3.38 -16.90 11.29
C ILE A 239 -2.78 -15.80 10.42
N PHE A 240 -1.83 -15.07 10.98
CA PHE A 240 -1.20 -13.92 10.32
C PHE A 240 0.32 -13.94 10.48
N THR A 241 1.04 -13.86 9.37
CA THR A 241 2.50 -13.93 9.34
C THR A 241 3.04 -12.75 8.53
N SER A 242 4.35 -12.70 8.31
CA SER A 242 4.92 -11.82 7.29
C SER A 242 4.58 -12.34 5.90
N LYS A 243 4.34 -13.64 5.79
CA LYS A 243 3.87 -14.23 4.54
C LYS A 243 2.41 -13.87 4.23
N THR A 244 1.67 -13.38 5.23
CA THR A 244 0.36 -12.80 4.96
C THR A 244 0.53 -11.61 4.03
N ASP A 245 1.39 -10.68 4.43
CA ASP A 245 1.66 -9.47 3.66
C ASP A 245 2.20 -9.79 2.27
N THR A 246 2.94 -10.89 2.16
CA THR A 246 3.40 -11.38 0.85
C THR A 246 2.22 -11.69 -0.08
N TRP A 247 1.19 -12.34 0.46
CA TRP A 247 0.00 -12.64 -0.34
C TRP A 247 -0.66 -11.35 -0.82
N SER A 248 -1.02 -10.49 0.12
CA SER A 248 -1.69 -9.23 -0.19
C SER A 248 -0.86 -8.38 -1.14
N PHE A 249 0.46 -8.44 -1.03
CA PHE A 249 1.32 -7.70 -1.96
C PHE A 249 1.16 -8.23 -3.39
N GLY A 250 1.11 -9.55 -3.53
CA GLY A 250 0.78 -10.18 -4.81
C GLY A 250 -0.49 -9.62 -5.40
N VAL A 251 -1.51 -9.45 -4.56
CA VAL A 251 -2.80 -8.90 -4.98
C VAL A 251 -2.68 -7.42 -5.29
N LEU A 252 -1.89 -6.71 -4.48
CA LEU A 252 -1.54 -5.33 -4.77
C LEU A 252 -0.87 -5.24 -6.13
N LEU A 253 0.01 -6.20 -6.40
CA LEU A 253 0.73 -6.26 -7.66
C LEU A 253 -0.26 -6.33 -8.82
N TRP A 254 -1.30 -7.15 -8.66
CA TRP A 254 -2.33 -7.25 -9.68
C TRP A 254 -3.04 -5.90 -9.84
N GLU A 255 -3.41 -5.28 -8.73
CA GLU A 255 -4.03 -3.96 -8.75
C GLU A 255 -3.22 -2.98 -9.58
N ILE A 256 -1.91 -2.96 -9.36
CA ILE A 256 -1.02 -2.05 -10.08
C ILE A 256 -1.03 -2.31 -11.59
N PHE A 257 -0.78 -3.56 -11.98
CA PHE A 257 -0.66 -3.89 -13.41
C PHE A 257 -2.00 -4.07 -14.14
N SER A 258 -3.09 -4.15 -13.39
CA SER A 258 -4.43 -4.04 -13.97
C SER A 258 -4.80 -2.58 -14.19
N LEU A 259 -4.09 -1.69 -13.48
CA LEU A 259 -4.34 -0.24 -13.47
C LEU A 259 -5.58 0.11 -12.65
N GLY A 260 -5.67 -0.45 -11.45
CA GLY A 260 -6.68 -0.06 -10.47
C GLY A 260 -7.98 -0.85 -10.46
N TYR A 261 -8.01 -2.01 -11.12
CA TYR A 261 -9.22 -2.83 -11.12
C TYR A 261 -9.39 -3.55 -9.78
N MET A 262 -10.64 -3.88 -9.47
CA MET A 262 -10.98 -4.60 -8.24
C MET A 262 -10.59 -6.07 -8.40
N PRO A 263 -9.79 -6.61 -7.46
CA PRO A 263 -9.46 -8.03 -7.49
C PRO A 263 -10.68 -8.93 -7.69
N TYR A 264 -10.48 -10.04 -8.41
CA TYR A 264 -11.53 -11.00 -8.72
C TYR A 264 -12.80 -10.28 -9.20
N PRO A 265 -12.67 -9.45 -10.26
CA PRO A 265 -13.62 -8.42 -10.67
C PRO A 265 -15.12 -8.74 -10.47
N SER A 266 -15.55 -9.90 -10.96
CA SER A 266 -16.96 -10.27 -10.92
C SER A 266 -17.33 -11.20 -9.75
N LYS A 267 -16.44 -11.34 -8.77
CA LYS A 267 -16.65 -12.25 -7.64
C LYS A 267 -16.84 -11.47 -6.35
N SER A 268 -17.71 -12.00 -5.48
CA SER A 268 -17.93 -11.44 -4.15
C SER A 268 -17.00 -12.09 -3.12
N ASN A 269 -16.87 -11.45 -1.96
CA ASN A 269 -16.00 -11.93 -0.88
C ASN A 269 -16.11 -13.43 -0.62
N GLN A 270 -17.34 -13.92 -0.55
CA GLN A 270 -17.59 -15.34 -0.27
C GLN A 270 -17.24 -16.23 -1.45
N GLU A 271 -17.44 -15.73 -2.67
CA GLU A 271 -17.04 -16.47 -3.88
C GLU A 271 -15.53 -16.58 -3.97
N VAL A 272 -14.85 -15.44 -3.75
CA VAL A 272 -13.39 -15.38 -3.71
C VAL A 272 -12.83 -16.31 -2.65
N LEU A 273 -13.44 -16.27 -1.47
CA LEU A 273 -13.05 -17.13 -0.35
C LEU A 273 -12.97 -18.60 -0.77
N GLU A 274 -14.04 -19.08 -1.40
CA GLU A 274 -14.12 -20.48 -1.81
C GLU A 274 -13.28 -20.76 -3.06
N PHE A 275 -13.20 -19.75 -3.95
CA PHE A 275 -12.37 -19.84 -5.15
C PHE A 275 -10.90 -20.01 -4.80
N VAL A 276 -10.40 -19.16 -3.90
CA VAL A 276 -9.01 -19.24 -3.45
C VAL A 276 -8.75 -20.55 -2.71
N THR A 277 -9.63 -20.90 -1.79
CA THR A 277 -9.49 -22.11 -0.99
C THR A 277 -9.40 -23.37 -1.86
N SER A 278 -10.08 -23.36 -3.00
CA SER A 278 -10.03 -24.49 -3.94
C SER A 278 -8.75 -24.52 -4.77
N GLY A 279 -7.98 -23.43 -4.78
CA GLY A 279 -6.75 -23.33 -5.57
C GLY A 279 -6.83 -22.31 -6.71
N GLY A 280 -7.99 -21.68 -6.87
CA GLY A 280 -8.20 -20.70 -7.92
C GLY A 280 -7.43 -19.40 -7.71
N ARG A 281 -6.84 -18.90 -8.79
CA ARG A 281 -6.03 -17.68 -8.76
C ARG A 281 -6.44 -16.75 -9.90
N MET A 282 -6.08 -15.48 -9.78
CA MET A 282 -6.45 -14.49 -10.78
C MET A 282 -5.58 -14.62 -12.02
N ASP A 283 -6.19 -14.41 -13.19
CA ASP A 283 -5.47 -14.43 -14.46
C ASP A 283 -4.54 -13.24 -14.55
N PRO A 284 -3.61 -13.25 -15.52
CA PRO A 284 -2.80 -12.06 -15.70
C PRO A 284 -3.65 -10.83 -16.03
N PRO A 285 -3.33 -9.66 -15.44
CA PRO A 285 -4.01 -8.45 -15.90
C PRO A 285 -3.65 -8.16 -17.35
N LYS A 286 -4.51 -7.41 -18.04
CA LYS A 286 -4.34 -7.18 -19.47
C LYS A 286 -2.94 -6.62 -19.76
N ASN A 287 -2.26 -7.22 -20.74
CA ASN A 287 -0.90 -6.83 -21.19
C ASN A 287 0.23 -7.06 -20.17
N CYS A 288 -0.06 -7.77 -19.08
CA CYS A 288 0.93 -7.98 -18.03
C CYS A 288 2.03 -8.94 -18.50
N PRO A 289 3.31 -8.51 -18.40
CA PRO A 289 4.41 -9.41 -18.73
C PRO A 289 4.44 -10.65 -17.86
N GLY A 290 4.85 -11.77 -18.44
CA GLY A 290 4.96 -13.05 -17.72
C GLY A 290 5.77 -12.98 -16.44
N PRO A 291 6.99 -12.40 -16.51
CA PRO A 291 7.83 -12.22 -15.32
C PRO A 291 7.12 -11.57 -14.14
N VAL A 292 6.35 -10.52 -14.39
CA VAL A 292 5.61 -9.84 -13.33
C VAL A 292 4.49 -10.72 -12.78
N TYR A 293 3.76 -11.40 -13.66
CA TYR A 293 2.71 -12.31 -13.25
C TYR A 293 3.28 -13.46 -12.44
N ARG A 294 4.48 -13.91 -12.82
CA ARG A 294 5.16 -14.96 -12.07
C ARG A 294 5.46 -14.52 -10.62
N ILE A 295 5.65 -13.23 -10.38
CA ILE A 295 5.83 -12.74 -9.02
C ILE A 295 4.51 -12.82 -8.26
N MET A 296 3.41 -12.44 -8.92
CA MET A 296 2.07 -12.57 -8.33
C MET A 296 1.77 -14.02 -7.98
N THR A 297 2.12 -14.92 -8.89
CA THR A 297 1.82 -16.35 -8.75
C THR A 297 2.47 -16.97 -7.52
N GLN A 298 3.75 -16.71 -7.30
CA GLN A 298 4.44 -17.28 -6.15
C GLN A 298 4.13 -16.54 -4.86
N CYS A 299 3.64 -15.30 -4.96
CA CYS A 299 3.07 -14.61 -3.81
C CYS A 299 1.80 -15.33 -3.34
N TRP A 300 1.05 -15.89 -4.28
CA TRP A 300 -0.22 -16.55 -3.97
C TRP A 300 -0.08 -18.05 -3.74
N GLN A 301 1.11 -18.52 -3.39
CA GLN A 301 1.31 -19.94 -3.12
C GLN A 301 0.44 -20.31 -1.94
N HIS A 302 -0.18 -21.49 -1.98
CA HIS A 302 -1.11 -21.89 -0.92
C HIS A 302 -0.42 -21.96 0.44
N GLN A 303 0.69 -22.70 0.48
CA GLN A 303 1.43 -22.86 1.71
C GLN A 303 2.31 -21.63 1.91
N PRO A 304 2.24 -20.97 3.10
CA PRO A 304 3.00 -19.74 3.34
C PRO A 304 4.51 -19.87 3.18
N GLU A 305 5.10 -20.94 3.71
CA GLU A 305 6.55 -21.13 3.65
C GLU A 305 7.10 -21.26 2.23
N ASP A 306 6.22 -21.51 1.25
CA ASP A 306 6.62 -21.58 -0.15
C ASP A 306 6.61 -20.20 -0.83
N ARG A 307 5.91 -19.24 -0.23
CA ARG A 307 5.90 -17.87 -0.76
C ARG A 307 7.21 -17.18 -0.44
N PRO A 308 7.62 -16.21 -1.27
CA PRO A 308 8.88 -15.53 -1.04
C PRO A 308 8.77 -14.43 0.01
N ASN A 309 9.85 -14.18 0.73
CA ASN A 309 9.95 -12.97 1.57
C ASN A 309 10.11 -11.74 0.66
N PHE A 310 10.15 -10.56 1.25
CA PHE A 310 10.17 -9.33 0.44
C PHE A 310 11.53 -9.00 -0.16
N ALA A 311 12.59 -9.56 0.40
CA ALA A 311 13.93 -9.40 -0.18
C ALA A 311 13.97 -10.06 -1.54
N ILE A 312 13.45 -11.29 -1.60
CA ILE A 312 13.35 -12.02 -2.87
C ILE A 312 12.39 -11.30 -3.82
N ILE A 313 11.29 -10.79 -3.30
CA ILE A 313 10.32 -10.09 -4.14
C ILE A 313 10.97 -8.87 -4.81
N LEU A 314 11.71 -8.08 -4.02
CA LEU A 314 12.42 -6.91 -4.55
C LEU A 314 13.43 -7.31 -5.60
N GLU A 315 14.27 -8.28 -5.23
CA GLU A 315 15.22 -8.90 -6.13
C GLU A 315 14.58 -9.24 -7.49
N ARG A 316 13.40 -9.85 -7.43
CA ARG A 316 12.66 -10.23 -8.64
C ARG A 316 12.04 -9.04 -9.37
N ILE A 317 11.54 -8.07 -8.62
CA ILE A 317 11.05 -6.82 -9.21
C ILE A 317 12.21 -6.08 -9.89
N GLU A 318 13.40 -6.17 -9.29
CA GLU A 318 14.60 -5.56 -9.85
C GLU A 318 15.00 -6.27 -11.14
N TYR A 319 14.79 -7.58 -11.18
CA TYR A 319 15.05 -8.37 -12.38
C TYR A 319 14.12 -7.97 -13.53
N CYS A 320 12.85 -7.75 -13.22
CA CYS A 320 11.90 -7.24 -14.21
C CYS A 320 12.31 -5.87 -14.73
N THR A 321 12.82 -5.04 -13.82
CA THR A 321 13.27 -3.69 -14.14
C THR A 321 14.54 -3.70 -14.99
N GLN A 322 15.26 -4.82 -14.99
CA GLN A 322 16.39 -5.03 -15.88
C GLN A 322 15.93 -5.54 -17.25
N ASP A 323 14.87 -6.35 -17.25
CA ASP A 323 14.35 -6.93 -18.49
C ASP A 323 13.67 -5.87 -19.37
N PRO A 324 14.15 -5.69 -20.61
CA PRO A 324 13.52 -4.72 -21.53
C PRO A 324 12.22 -5.20 -22.15
N ASP A 325 12.08 -6.50 -22.37
CA ASP A 325 10.82 -7.07 -22.87
C ASP A 325 9.67 -6.79 -21.89
N VAL A 326 10.00 -6.74 -20.60
CA VAL A 326 9.04 -6.33 -19.58
C VAL A 326 8.76 -4.84 -19.73
N ILE A 327 9.82 -4.04 -19.75
CA ILE A 327 9.72 -2.59 -19.70
C ILE A 327 9.21 -1.95 -20.99
N ASN A 328 9.57 -2.53 -22.13
CA ASN A 328 9.10 -2.03 -23.43
C ASN A 328 7.63 -2.37 -23.74
N THR A 329 7.02 -3.26 -22.96
CA THR A 329 5.64 -3.67 -23.17
C THR A 329 4.67 -2.51 -22.94
N ALA A 330 3.81 -2.26 -23.93
CA ALA A 330 2.85 -1.16 -23.87
C ALA A 330 1.65 -1.51 -23.01
N LEU A 331 1.23 -0.56 -22.19
CA LEU A 331 0.04 -0.69 -21.33
C LEU A 331 -1.22 -0.74 -22.19
N PRO A 332 -2.32 -1.28 -21.62
CA PRO A 332 -3.60 -1.31 -22.33
C PRO A 332 -4.26 0.07 -22.45
#